data_6AB8
#
_entry.id   6AB8
#
_cell.length_a   102.134
_cell.length_b   43.893
_cell.length_c   62.070
_cell.angle_alpha   90.00
_cell.angle_beta   98.83
_cell.angle_gamma   90.00
#
_symmetry.space_group_name_H-M   'C 1 2 1'
#
loop_
_entity.id
_entity.type
_entity.pdbx_description
1 polymer 'Pyrrolysine--tRNA ligase'
2 non-polymer 'MAGNESIUM ION'
3 non-polymer "ADENOSINE-5'-TRIPHOSPHATE"
4 non-polymer '(2S)-2-azanyl-6-(phenylmethoxycarbonylamino)hexanoic acid'
5 non-polymer 'POTASSIUM ION'
6 water water
#
_entity_poly.entity_id   1
_entity_poly.type   'polypeptide(L)'
_entity_poly.pdbx_seq_one_letter_code
;GSHMASAPALTKSQTDRLEVLLNPKDEISLNSGKPFRELESELLSRRKKDLQQIYAEERENYLGKLEREITRFFVDRGFL
EIKSPILIPLEYIERMGIDNDTELSKQIFRVDKNFCLRPMLAPNLANYLRKLDRALPDPIKIFEIGPCYRKESDGKEHLE
EFTMLNFCQMGSGCTRENLESIITDFLNHLGIDFKIVGDSCMVFGDTLDVMHGDLELSSAVVGPIPLDREWGIDKPWIGA
GFGLERLLKVKHDFKNIKRAARSGSYYNGISTNL
;
_entity_poly.pdbx_strand_id   A
#
# COMPACT_ATOMS: atom_id res chain seq x y z
N PRO A 8 34.39 -22.20 5.13
CA PRO A 8 34.38 -20.85 5.73
C PRO A 8 32.97 -20.30 5.88
N ALA A 9 32.41 -20.39 7.09
CA ALA A 9 31.12 -19.82 7.47
C ALA A 9 30.96 -18.37 7.03
N LEU A 10 29.71 -17.92 6.87
CA LEU A 10 29.43 -16.56 6.43
C LEU A 10 29.17 -15.64 7.61
N THR A 11 29.75 -14.44 7.57
CA THR A 11 29.40 -13.42 8.54
C THR A 11 27.99 -12.89 8.34
N LYS A 12 27.52 -12.14 9.35
CA LYS A 12 26.21 -11.54 9.24
C LYS A 12 26.20 -10.52 8.09
N SER A 13 27.30 -9.78 7.96
CA SER A 13 27.41 -8.81 6.86
C SER A 13 27.35 -9.50 5.52
N GLN A 14 27.99 -10.68 5.42
CA GLN A 14 27.99 -11.43 4.16
C GLN A 14 26.61 -12.01 3.88
N THR A 15 26.00 -12.64 4.90
CA THR A 15 24.61 -13.10 4.77
C THR A 15 23.68 -11.98 4.30
N ASP A 16 23.81 -10.80 4.91
CA ASP A 16 22.92 -9.68 4.58
C ASP A 16 23.10 -9.28 3.11
N ARG A 17 24.34 -9.30 2.63
CA ARG A 17 24.63 -8.95 1.24
C ARG A 17 24.02 -9.96 0.28
N LEU A 18 24.15 -11.25 0.59
CA LEU A 18 23.57 -12.26 -0.28
C LEU A 18 22.05 -12.20 -0.26
N GLU A 19 21.45 -11.87 0.90
CA GLU A 19 19.99 -11.76 0.92
C GLU A 19 19.51 -10.61 0.03
N VAL A 20 20.25 -9.50 0.02
CA VAL A 20 19.88 -8.37 -0.85
C VAL A 20 19.85 -8.82 -2.30
N LEU A 21 20.81 -9.66 -2.71
CA LEU A 21 20.95 -10.02 -4.11
C LEU A 21 20.09 -11.21 -4.49
N LEU A 22 19.50 -11.87 -3.50
CA LEU A 22 18.68 -13.04 -3.73
C LEU A 22 17.25 -12.65 -4.08
N ASN A 23 16.68 -13.35 -5.03
CA ASN A 23 15.30 -13.06 -5.37
C ASN A 23 14.42 -14.24 -5.00
N PRO A 24 13.10 -14.04 -4.87
CA PRO A 24 12.24 -15.17 -4.48
C PRO A 24 12.29 -16.34 -5.44
N LYS A 25 12.54 -16.08 -6.72
CA LYS A 25 12.58 -17.15 -7.71
C LYS A 25 13.88 -17.95 -7.69
N ASP A 26 14.91 -17.46 -7.02
CA ASP A 26 16.17 -18.18 -6.93
C ASP A 26 16.02 -19.44 -6.09
N GLU A 27 16.90 -20.40 -6.34
CA GLU A 27 17.02 -21.59 -5.51
C GLU A 27 18.49 -21.79 -5.13
N ILE A 28 19.03 -20.79 -4.45
CA ILE A 28 20.44 -20.74 -4.09
C ILE A 28 20.54 -20.73 -2.57
N SER A 29 21.27 -21.70 -2.02
CA SER A 29 21.43 -21.82 -0.58
C SER A 29 22.67 -21.07 -0.12
N LEU A 30 22.49 -20.15 0.84
CA LEU A 30 23.60 -19.45 1.45
C LEU A 30 24.36 -20.31 2.46
N ASN A 31 23.70 -21.33 3.02
CA ASN A 31 24.30 -22.21 4.03
C ASN A 31 24.79 -23.52 3.40
N SER A 32 25.52 -23.41 2.28
CA SER A 32 26.01 -24.57 1.55
C SER A 32 27.49 -24.85 1.75
N GLY A 33 28.27 -23.86 2.17
CA GLY A 33 29.71 -23.96 2.18
C GLY A 33 30.37 -23.39 0.94
N LYS A 34 29.61 -22.91 -0.03
CA LYS A 34 30.19 -22.18 -1.15
C LYS A 34 30.86 -20.91 -0.64
N PRO A 35 31.98 -20.50 -1.22
CA PRO A 35 32.66 -19.29 -0.74
C PRO A 35 31.85 -18.02 -1.05
N PHE A 36 31.96 -17.05 -0.15
CA PHE A 36 31.08 -15.89 -0.21
C PHE A 36 31.22 -15.15 -1.53
N ARG A 37 32.46 -14.93 -1.98
CA ARG A 37 32.64 -14.14 -3.19
C ARG A 37 32.09 -14.86 -4.43
N GLU A 38 32.06 -16.19 -4.42
CA GLU A 38 31.51 -16.92 -5.56
C GLU A 38 30.00 -16.88 -5.58
N LEU A 39 29.37 -16.99 -4.41
CA LEU A 39 27.92 -16.81 -4.32
C LEU A 39 27.54 -15.39 -4.72
N GLU A 40 28.24 -14.38 -4.18
CA GLU A 40 27.89 -12.99 -4.48
C GLU A 40 28.01 -12.72 -5.97
N SER A 41 29.08 -13.24 -6.60
CA SER A 41 29.33 -12.99 -8.01
CA SER A 41 29.30 -12.96 -8.00
C SER A 41 28.26 -13.63 -8.87
N GLU A 42 27.84 -14.83 -8.52
CA GLU A 42 26.80 -15.51 -9.29
C GLU A 42 25.47 -14.80 -9.17
N LEU A 43 25.09 -14.40 -7.94
CA LEU A 43 23.84 -13.69 -7.76
C LEU A 43 23.88 -12.37 -8.50
N LEU A 44 25.02 -11.70 -8.46
CA LEU A 44 25.14 -10.40 -9.13
C LEU A 44 24.91 -10.55 -10.62
N SER A 45 25.42 -11.62 -11.21
CA SER A 45 25.29 -11.82 -12.65
CA SER A 45 25.29 -11.83 -12.65
C SER A 45 23.85 -12.15 -13.02
N ARG A 46 23.16 -12.90 -12.18
CA ARG A 46 21.75 -13.15 -12.46
C ARG A 46 20.93 -11.87 -12.34
N ARG A 47 21.23 -11.01 -11.36
CA ARG A 47 20.43 -9.80 -11.20
C ARG A 47 20.66 -8.81 -12.33
N LYS A 48 21.91 -8.71 -12.80
CA LYS A 48 22.18 -7.91 -14.01
C LYS A 48 21.36 -8.40 -15.19
N LYS A 49 21.32 -9.73 -15.38
N LYS A 49 21.29 -9.73 -15.37
CA LYS A 49 20.51 -10.30 -16.46
CA LYS A 49 20.51 -10.27 -16.48
C LYS A 49 19.03 -10.00 -16.27
C LYS A 49 19.02 -10.01 -16.28
N ASP A 50 18.54 -10.04 -15.03
CA ASP A 50 17.14 -9.74 -14.76
C ASP A 50 16.82 -8.30 -15.13
N LEU A 51 17.76 -7.39 -14.83
CA LEU A 51 17.53 -5.98 -15.15
C LEU A 51 17.62 -5.74 -16.65
N GLN A 52 18.56 -6.43 -17.33
CA GLN A 52 18.62 -6.32 -18.79
C GLN A 52 17.31 -6.78 -19.44
N GLN A 53 16.70 -7.84 -18.93
CA GLN A 53 15.45 -8.31 -19.51
C GLN A 53 14.31 -7.32 -19.27
N ILE A 54 14.28 -6.70 -18.08
CA ILE A 54 13.27 -5.70 -17.80
C ILE A 54 13.41 -4.54 -18.76
N TYR A 55 14.65 -4.07 -18.92
CA TYR A 55 14.92 -2.91 -19.77
C TYR A 55 14.56 -3.21 -21.22
N ALA A 56 14.75 -4.47 -21.63
CA ALA A 56 14.49 -4.82 -23.02
C ALA A 56 13.01 -5.05 -23.31
N GLU A 57 12.25 -5.56 -22.35
CA GLU A 57 10.91 -6.06 -22.65
C GLU A 57 9.81 -5.54 -21.73
N GLU A 58 10.16 -5.11 -20.49
CA GLU A 58 9.18 -4.92 -19.40
C GLU A 58 9.59 -3.71 -18.56
N ARG A 59 9.54 -2.53 -19.19
CA ARG A 59 10.11 -1.28 -18.67
C ARG A 59 9.16 -0.53 -17.71
N GLU A 60 8.06 -1.14 -17.31
CA GLU A 60 7.14 -0.51 -16.37
C GLU A 60 7.52 -0.85 -14.92
N ASN A 61 7.40 0.15 -14.07
CA ASN A 61 7.66 0.04 -12.64
C ASN A 61 6.52 -0.72 -11.96
N TYR A 62 6.85 -1.63 -11.05
CA TYR A 62 5.77 -2.43 -10.44
C TYR A 62 4.73 -1.54 -9.74
N LEU A 63 5.19 -0.54 -8.97
N LEU A 63 5.20 -0.53 -9.00
CA LEU A 63 4.22 0.28 -8.24
CA LEU A 63 4.28 0.31 -8.24
C LEU A 63 3.38 1.09 -9.22
C LEU A 63 3.42 1.15 -9.17
N GLY A 64 4.02 1.66 -10.23
CA GLY A 64 3.29 2.44 -11.20
C GLY A 64 2.29 1.57 -11.95
N LYS A 65 2.73 0.37 -12.37
CA LYS A 65 1.85 -0.54 -13.13
C LYS A 65 0.66 -0.99 -12.30
N LEU A 66 0.88 -1.29 -11.02
CA LEU A 66 -0.22 -1.68 -10.17
C LEU A 66 -1.17 -0.52 -9.94
N GLU A 67 -0.64 0.68 -9.72
CA GLU A 67 -1.53 1.83 -9.62
C GLU A 67 -2.42 1.94 -10.86
N ARG A 68 -1.85 1.73 -12.05
CA ARG A 68 -2.64 1.88 -13.26
C ARG A 68 -3.68 0.77 -13.40
N GLU A 69 -3.30 -0.46 -13.01
CA GLU A 69 -4.25 -1.56 -13.04
C GLU A 69 -5.43 -1.30 -12.12
N ILE A 70 -5.15 -0.89 -10.86
CA ILE A 70 -6.21 -0.59 -9.90
C ILE A 70 -7.08 0.57 -10.37
N THR A 71 -6.45 1.59 -10.94
CA THR A 71 -7.23 2.73 -11.44
C THR A 71 -8.24 2.29 -12.49
N ARG A 72 -7.80 1.46 -13.44
CA ARG A 72 -8.73 0.98 -14.45
C ARG A 72 -9.87 0.19 -13.82
N PHE A 73 -9.57 -0.66 -12.83
CA PHE A 73 -10.59 -1.45 -12.19
C PHE A 73 -11.68 -0.56 -11.57
N PHE A 74 -11.28 0.44 -10.80
CA PHE A 74 -12.29 1.27 -10.14
C PHE A 74 -12.96 2.26 -11.10
N VAL A 75 -12.24 2.86 -12.05
CA VAL A 75 -12.92 3.72 -13.03
C VAL A 75 -13.99 2.92 -13.77
N ASP A 76 -13.66 1.69 -14.14
CA ASP A 76 -14.61 0.87 -14.91
C ASP A 76 -15.83 0.51 -14.11
N ARG A 77 -15.71 0.47 -12.78
CA ARG A 77 -16.83 0.15 -11.91
C ARG A 77 -17.56 1.39 -11.41
N GLY A 78 -17.32 2.54 -12.02
CA GLY A 78 -18.08 3.74 -11.74
C GLY A 78 -17.53 4.64 -10.67
N PHE A 79 -16.26 4.48 -10.28
CA PHE A 79 -15.65 5.29 -9.22
C PHE A 79 -14.85 6.44 -9.85
N LEU A 80 -15.00 7.63 -9.28
CA LEU A 80 -14.31 8.81 -9.78
C LEU A 80 -12.87 8.81 -9.25
N GLU A 81 -11.90 8.96 -10.16
CA GLU A 81 -10.49 9.02 -9.76
C GLU A 81 -10.12 10.38 -9.17
N ILE A 82 -9.63 10.37 -7.93
CA ILE A 82 -9.28 11.56 -7.18
C ILE A 82 -7.76 11.65 -7.07
N LYS A 83 -7.20 12.86 -7.23
CA LYS A 83 -5.79 13.11 -6.87
C LYS A 83 -5.76 14.34 -5.96
N SER A 84 -5.49 14.11 -4.68
CA SER A 84 -5.63 15.19 -3.71
C SER A 84 -4.27 15.50 -3.08
N PRO A 85 -4.17 16.56 -2.29
CA PRO A 85 -2.84 16.94 -1.77
C PRO A 85 -2.24 15.89 -0.85
N ILE A 86 -0.91 15.77 -0.94
CA ILE A 86 -0.16 14.89 -0.02
C ILE A 86 0.29 15.69 1.20
N LEU A 87 0.60 16.97 0.96
CA LEU A 87 0.93 17.92 2.02
C LEU A 87 -0.38 18.57 2.48
N ILE A 88 -0.78 18.29 3.73
CA ILE A 88 -2.12 18.67 4.20
C ILE A 88 -2.03 19.49 5.48
N PRO A 89 -3.12 20.18 5.85
CA PRO A 89 -3.12 20.94 7.09
C PRO A 89 -3.00 20.01 8.28
N LEU A 90 -2.14 20.41 9.22
CA LEU A 90 -2.05 19.69 10.48
C LEU A 90 -3.40 19.65 11.17
N GLU A 91 -4.24 20.67 10.94
CA GLU A 91 -5.56 20.70 11.54
C GLU A 91 -6.40 19.49 11.13
N TYR A 92 -6.18 18.94 9.92
CA TYR A 92 -6.91 17.73 9.54
C TYR A 92 -6.66 16.60 10.53
N ILE A 93 -5.48 16.56 11.16
CA ILE A 93 -5.14 15.44 12.04
C ILE A 93 -6.04 15.45 13.28
N GLU A 94 -6.11 16.58 13.96
CA GLU A 94 -6.96 16.66 15.15
C GLU A 94 -8.42 16.45 14.78
N ARG A 95 -8.85 16.92 13.61
CA ARG A 95 -10.26 16.80 13.25
C ARG A 95 -10.65 15.37 12.89
N MET A 96 -9.69 14.56 12.44
CA MET A 96 -9.93 13.12 12.33
C MET A 96 -9.97 12.46 13.70
N GLY A 97 -9.87 13.23 14.78
CA GLY A 97 -9.86 12.65 16.11
C GLY A 97 -8.65 11.80 16.39
N ILE A 98 -7.51 12.13 15.79
CA ILE A 98 -6.25 11.48 16.10
C ILE A 98 -5.66 12.22 17.29
N ASP A 99 -5.73 11.62 18.48
CA ASP A 99 -5.45 12.34 19.72
C ASP A 99 -3.98 12.25 20.09
N ASN A 100 -3.39 13.42 20.36
CA ASN A 100 -1.98 13.50 20.77
C ASN A 100 -1.83 13.23 22.27
N LEU A 104 -1.00 7.02 16.54
CA LEU A 104 -0.91 7.50 15.17
C LEU A 104 -0.47 8.95 15.19
N SER A 105 -0.89 9.70 16.22
CA SER A 105 -0.52 11.10 16.29
C SER A 105 0.99 11.26 16.34
N LYS A 106 1.67 10.29 16.96
CA LYS A 106 3.12 10.33 17.09
C LYS A 106 3.84 9.82 15.85
N GLN A 107 3.11 9.27 14.89
CA GLN A 107 3.68 8.80 13.64
C GLN A 107 3.68 9.87 12.55
N ILE A 108 3.17 11.07 12.82
CA ILE A 108 2.98 12.06 11.75
C ILE A 108 4.29 12.78 11.43
N PHE A 109 4.58 12.95 10.14
CA PHE A 109 5.72 13.76 9.69
C PHE A 109 5.26 15.22 9.58
N ARG A 110 5.83 16.09 10.41
CA ARG A 110 5.45 17.50 10.42
C ARG A 110 6.26 18.30 9.42
N VAL A 111 5.58 19.18 8.71
CA VAL A 111 6.20 20.07 7.72
C VAL A 111 5.98 21.51 8.19
N ASP A 112 7.08 22.20 8.46
CA ASP A 112 7.09 23.59 8.94
C ASP A 112 6.21 23.66 10.19
N LYS A 113 5.29 24.61 10.29
CA LYS A 113 4.51 24.79 11.51
C LYS A 113 3.10 24.20 11.42
N ASN A 114 2.41 24.44 10.30
CA ASN A 114 0.98 24.16 10.21
C ASN A 114 0.64 22.98 9.30
N PHE A 115 1.63 22.29 8.72
CA PHE A 115 1.33 21.23 7.77
C PHE A 115 1.94 19.90 8.19
N CYS A 116 1.51 18.85 7.49
CA CYS A 116 2.09 17.55 7.68
C CYS A 116 1.94 16.75 6.40
N LEU A 117 2.69 15.65 6.31
CA LEU A 117 2.49 14.68 5.24
C LEU A 117 1.33 13.79 5.62
N ARG A 118 0.39 13.59 4.71
CA ARG A 118 -0.80 12.80 5.05
C ARG A 118 -0.44 11.37 5.48
N PRO A 119 -1.01 10.86 6.58
CA PRO A 119 -0.77 9.47 6.95
C PRO A 119 -1.83 8.51 6.44
N MET A 120 -2.90 9.04 5.84
CA MET A 120 -4.00 8.29 5.27
C MET A 120 -4.67 9.20 4.25
N LEU A 121 -5.52 8.60 3.41
CA LEU A 121 -6.23 9.38 2.40
C LEU A 121 -7.58 9.86 2.89
N ALA A 122 -8.08 9.30 3.99
CA ALA A 122 -9.46 9.53 4.43
C ALA A 122 -9.90 10.98 4.50
N PRO A 123 -9.18 11.91 5.15
CA PRO A 123 -9.73 13.28 5.27
C PRO A 123 -9.97 13.94 3.93
N ASN A 124 -9.03 13.83 2.98
CA ASN A 124 -9.26 14.43 1.66
C ASN A 124 -10.49 13.81 0.99
N LEU A 125 -10.68 12.49 1.14
CA LEU A 125 -11.81 11.84 0.48
C LEU A 125 -13.13 12.19 1.16
N ALA A 126 -13.13 12.38 2.47
CA ALA A 126 -14.34 12.88 3.13
C ALA A 126 -14.73 14.25 2.59
N ASN A 127 -13.75 15.15 2.39
CA ASN A 127 -14.07 16.46 1.82
C ASN A 127 -14.69 16.31 0.44
N TYR A 128 -14.13 15.42 -0.39
CA TYR A 128 -14.67 15.21 -1.72
C TYR A 128 -16.08 14.66 -1.67
N LEU A 129 -16.34 13.66 -0.79
CA LEU A 129 -17.69 13.13 -0.69
C LEU A 129 -18.69 14.24 -0.38
N ARG A 130 -18.37 15.07 0.60
CA ARG A 130 -19.27 16.16 0.99
C ARG A 130 -19.49 17.11 -0.16
N LYS A 131 -18.40 17.50 -0.84
CA LYS A 131 -18.55 18.49 -1.91
C LYS A 131 -19.27 17.88 -3.12
N LEU A 132 -18.93 16.64 -3.48
CA LEU A 132 -19.54 16.08 -4.69
C LEU A 132 -21.01 15.72 -4.49
N ASP A 133 -21.43 15.53 -3.25
CA ASP A 133 -22.83 15.17 -3.03
C ASP A 133 -23.75 16.32 -3.40
N ARG A 134 -23.21 17.53 -3.52
CA ARG A 134 -23.99 18.68 -3.99
C ARG A 134 -24.25 18.63 -5.48
N ALA A 135 -23.51 17.81 -6.22
CA ALA A 135 -23.60 17.79 -7.68
C ALA A 135 -23.96 16.45 -8.25
N LEU A 136 -23.61 15.38 -7.58
CA LEU A 136 -23.66 14.11 -8.30
C LEU A 136 -24.80 13.24 -7.80
N PRO A 137 -25.30 12.34 -8.65
CA PRO A 137 -26.42 11.48 -8.25
C PRO A 137 -25.94 10.41 -7.28
N ASP A 138 -26.88 9.87 -6.55
CA ASP A 138 -26.63 8.78 -5.61
C ASP A 138 -26.42 7.46 -6.36
N PRO A 139 -25.45 6.64 -5.93
CA PRO A 139 -24.48 6.88 -4.86
C PRO A 139 -23.22 7.55 -5.40
N ILE A 140 -22.47 8.22 -4.51
CA ILE A 140 -21.19 8.87 -4.83
C ILE A 140 -20.11 7.84 -4.62
N LYS A 141 -19.31 7.57 -5.65
CA LYS A 141 -18.27 6.53 -5.58
C LYS A 141 -16.96 7.18 -6.02
N ILE A 142 -15.96 7.18 -5.15
CA ILE A 142 -14.68 7.82 -5.50
C ILE A 142 -13.55 6.97 -4.97
N PHE A 143 -12.36 7.20 -5.52
CA PHE A 143 -11.20 6.50 -5.01
C PHE A 143 -9.96 7.35 -5.25
N GLU A 144 -8.94 7.10 -4.44
CA GLU A 144 -7.62 7.69 -4.67
C GLU A 144 -6.52 6.66 -4.44
N ILE A 145 -5.42 6.82 -5.20
CA ILE A 145 -4.19 6.08 -4.94
C ILE A 145 -3.05 7.08 -4.79
N GLY A 146 -2.25 6.95 -3.75
CA GLY A 146 -1.11 7.84 -3.72
C GLY A 146 -0.28 7.67 -2.46
N PRO A 147 0.81 8.42 -2.39
N PRO A 147 0.80 8.44 -2.36
CA PRO A 147 1.71 8.29 -1.24
CA PRO A 147 1.74 8.22 -1.24
C PRO A 147 1.05 8.67 0.07
C PRO A 147 1.21 8.75 0.08
N CYS A 148 1.48 7.98 1.13
CA CYS A 148 1.14 8.31 2.52
C CYS A 148 2.38 8.05 3.38
N TYR A 149 2.39 8.64 4.59
CA TYR A 149 3.63 8.73 5.36
C TYR A 149 3.35 8.51 6.83
N ARG A 150 4.09 7.59 7.45
CA ARG A 150 3.98 7.25 8.89
C ARG A 150 5.38 6.93 9.42
N LYS A 151 5.75 7.52 10.55
CA LYS A 151 6.96 7.03 11.21
C LYS A 151 6.68 5.63 11.77
N GLU A 152 7.56 4.68 11.46
CA GLU A 152 7.35 3.30 11.87
C GLU A 152 8.62 2.72 12.42
N SER A 153 8.48 1.67 13.25
CA SER A 153 9.61 0.83 13.59
C SER A 153 10.05 0.01 12.39
N ASP A 154 11.35 -0.26 12.31
CA ASP A 154 11.86 -1.06 11.21
C ASP A 154 11.27 -2.46 11.27
N GLY A 155 10.59 -2.85 10.20
CA GLY A 155 9.93 -4.13 10.18
C GLY A 155 9.74 -4.59 8.75
N LYS A 156 9.43 -5.87 8.63
CA LYS A 156 9.30 -6.52 7.34
C LYS A 156 8.06 -6.06 6.58
N GLU A 157 7.10 -5.46 7.28
CA GLU A 157 5.81 -5.16 6.66
C GLU A 157 5.51 -3.68 6.59
N HIS A 158 6.42 -2.81 7.05
CA HIS A 158 6.11 -1.39 7.16
C HIS A 158 7.13 -0.57 6.38
N LEU A 159 6.65 0.48 5.75
CA LEU A 159 7.48 1.52 5.16
C LEU A 159 7.10 2.87 5.77
N GLU A 160 8.07 3.78 5.85
CA GLU A 160 7.69 5.13 6.24
C GLU A 160 7.07 5.91 5.10
N GLU A 161 7.37 5.54 3.87
CA GLU A 161 6.76 6.14 2.70
C GLU A 161 6.11 5.00 1.90
N PHE A 162 4.79 4.96 1.88
CA PHE A 162 4.09 3.85 1.25
C PHE A 162 3.01 4.43 0.34
N THR A 163 2.28 3.57 -0.35
CA THR A 163 1.27 3.97 -1.31
C THR A 163 -0.05 3.38 -0.88
N MET A 164 -1.06 4.21 -0.70
N MET A 164 -1.05 4.22 -0.70
CA MET A 164 -2.36 3.71 -0.28
CA MET A 164 -2.38 3.79 -0.28
C MET A 164 -3.39 3.84 -1.40
C MET A 164 -3.35 3.82 -1.46
N LEU A 165 -4.24 2.82 -1.52
CA LEU A 165 -5.50 2.95 -2.26
C LEU A 165 -6.60 3.15 -1.21
N ASN A 166 -7.50 4.08 -1.44
CA ASN A 166 -8.72 4.18 -0.62
C ASN A 166 -9.87 4.37 -1.56
N PHE A 167 -10.82 3.45 -1.54
CA PHE A 167 -12.04 3.70 -2.30
C PHE A 167 -13.21 3.82 -1.32
N CYS A 168 -14.23 4.55 -1.74
CA CYS A 168 -15.35 4.74 -0.82
C CYS A 168 -16.60 5.08 -1.59
N GLN A 169 -17.72 4.92 -0.91
CA GLN A 169 -19.03 5.11 -1.51
C GLN A 169 -19.90 5.75 -0.46
N MET A 170 -20.85 6.59 -0.90
CA MET A 170 -21.70 7.31 0.04
C MET A 170 -23.09 7.39 -0.55
N GLY A 171 -24.11 7.03 0.24
CA GLY A 171 -25.48 7.02 -0.23
C GLY A 171 -26.05 5.61 -0.16
N SER A 172 -26.71 5.19 -1.22
CA SER A 172 -27.29 3.86 -1.26
C SER A 172 -26.19 2.81 -1.48
N GLY A 173 -26.51 1.57 -1.13
CA GLY A 173 -25.51 0.53 -1.30
C GLY A 173 -24.40 0.51 -0.28
N CYS A 174 -24.50 1.22 0.83
CA CYS A 174 -23.39 1.35 1.77
C CYS A 174 -23.55 0.38 2.95
N THR A 175 -23.57 -0.90 2.62
CA THR A 175 -23.72 -2.00 3.56
C THR A 175 -22.43 -2.81 3.67
N ARG A 176 -22.28 -3.53 4.80
CA ARG A 176 -21.17 -4.48 4.92
C ARG A 176 -21.16 -5.46 3.75
N GLU A 177 -22.34 -5.96 3.37
CA GLU A 177 -22.44 -6.89 2.25
C GLU A 177 -21.85 -6.29 0.97
N ASN A 178 -22.23 -5.07 0.61
CA ASN A 178 -21.67 -4.51 -0.61
C ASN A 178 -20.17 -4.25 -0.47
N LEU A 179 -19.74 -3.80 0.71
CA LEU A 179 -18.32 -3.52 0.93
C LEU A 179 -17.50 -4.77 0.72
N GLU A 180 -17.91 -5.87 1.37
CA GLU A 180 -17.19 -7.12 1.20
C GLU A 180 -17.22 -7.57 -0.26
N SER A 181 -18.33 -7.33 -0.94
CA SER A 181 -18.41 -7.75 -2.34
CA SER A 181 -18.40 -7.76 -2.34
C SER A 181 -17.41 -7.00 -3.21
N ILE A 182 -17.24 -5.68 -2.97
CA ILE A 182 -16.27 -4.92 -3.76
C ILE A 182 -14.86 -5.42 -3.49
N ILE A 183 -14.53 -5.61 -2.21
CA ILE A 183 -13.23 -6.14 -1.79
C ILE A 183 -12.98 -7.51 -2.44
N THR A 184 -13.98 -8.37 -2.40
CA THR A 184 -13.84 -9.67 -3.06
C THR A 184 -13.56 -9.55 -4.54
N ASP A 185 -14.34 -8.71 -5.25
CA ASP A 185 -14.13 -8.55 -6.68
C ASP A 185 -12.74 -8.00 -6.96
N PHE A 186 -12.32 -7.02 -6.14
CA PHE A 186 -11.01 -6.41 -6.27
C PHE A 186 -9.87 -7.41 -6.08
N LEU A 187 -9.91 -8.18 -4.99
CA LEU A 187 -8.81 -9.09 -4.71
C LEU A 187 -8.86 -10.31 -5.64
N ASN A 188 -10.05 -10.70 -6.09
CA ASN A 188 -10.12 -11.74 -7.13
C ASN A 188 -9.49 -11.27 -8.44
N HIS A 189 -9.66 -9.99 -8.78
CA HIS A 189 -9.03 -9.43 -9.97
C HIS A 189 -7.51 -9.49 -9.86
N LEU A 190 -6.98 -9.28 -8.67
CA LEU A 190 -5.53 -9.31 -8.46
C LEU A 190 -5.03 -10.72 -8.21
N GLY A 191 -5.94 -11.67 -8.04
CA GLY A 191 -5.54 -13.04 -7.77
C GLY A 191 -4.98 -13.28 -6.40
N ILE A 192 -5.42 -12.50 -5.39
CA ILE A 192 -4.91 -12.62 -4.02
C ILE A 192 -6.00 -13.21 -3.13
N ASP A 193 -5.69 -14.33 -2.49
CA ASP A 193 -6.63 -14.94 -1.56
C ASP A 193 -6.62 -14.17 -0.25
N PHE A 194 -7.76 -14.14 0.43
CA PHE A 194 -7.83 -13.39 1.66
C PHE A 194 -8.97 -13.90 2.55
N LYS A 195 -8.96 -13.45 3.79
CA LYS A 195 -10.11 -13.60 4.66
C LYS A 195 -10.35 -12.27 5.37
N ILE A 196 -11.55 -12.10 5.90
CA ILE A 196 -11.93 -10.87 6.61
C ILE A 196 -12.04 -11.17 8.10
N VAL A 197 -11.41 -10.32 8.91
CA VAL A 197 -11.38 -10.49 10.36
C VAL A 197 -11.75 -9.18 11.01
N GLY A 198 -12.53 -9.22 12.09
CA GLY A 198 -12.87 -8.01 12.79
C GLY A 198 -11.68 -7.43 13.53
N ASP A 199 -11.57 -6.10 13.52
CA ASP A 199 -10.57 -5.43 14.35
C ASP A 199 -11.10 -4.06 14.76
N SER A 200 -10.27 -3.31 15.45
CA SER A 200 -10.68 -2.02 15.97
C SER A 200 -9.59 -1.00 15.64
N CYS A 201 -10.01 0.25 15.59
CA CYS A 201 -9.16 1.35 15.18
C CYS A 201 -9.52 2.53 16.06
N MET A 202 -8.50 3.24 16.54
CA MET A 202 -8.77 4.38 17.42
C MET A 202 -9.37 5.56 16.67
N VAL A 203 -9.40 5.50 15.34
CA VAL A 203 -9.92 6.60 14.52
C VAL A 203 -11.33 6.32 14.08
N PHE A 204 -11.56 5.12 13.53
CA PHE A 204 -12.82 4.78 12.89
C PHE A 204 -13.71 3.88 13.74
N GLY A 205 -13.17 3.29 14.79
CA GLY A 205 -13.92 2.33 15.58
C GLY A 205 -13.70 0.93 15.04
N ASP A 206 -14.79 0.17 14.93
CA ASP A 206 -14.69 -1.19 14.40
C ASP A 206 -14.32 -1.17 12.92
N THR A 207 -13.41 -2.07 12.53
CA THR A 207 -13.02 -2.23 11.13
C THR A 207 -13.20 -3.67 10.70
N LEU A 208 -13.28 -3.86 9.39
CA LEU A 208 -13.12 -5.19 8.80
C LEU A 208 -11.73 -5.24 8.23
N ASP A 209 -10.89 -6.13 8.76
CA ASP A 209 -9.51 -6.21 8.27
C ASP A 209 -9.40 -7.33 7.26
N VAL A 210 -8.80 -7.01 6.12
CA VAL A 210 -8.60 -7.95 5.03
C VAL A 210 -7.22 -8.57 5.21
N MET A 211 -7.17 -9.87 5.49
CA MET A 211 -5.93 -10.55 5.87
C MET A 211 -5.48 -11.53 4.80
N HIS A 212 -4.20 -11.53 4.48
CA HIS A 212 -3.59 -12.62 3.71
C HIS A 212 -2.62 -13.32 4.67
N GLY A 213 -3.04 -14.49 5.20
CA GLY A 213 -2.26 -15.03 6.30
C GLY A 213 -2.24 -14.06 7.46
N ASP A 214 -1.04 -13.74 7.94
CA ASP A 214 -0.87 -12.82 9.06
C ASP A 214 -0.72 -11.38 8.59
N LEU A 215 -0.81 -11.14 7.29
CA LEU A 215 -0.50 -9.83 6.72
C LEU A 215 -1.80 -9.07 6.52
N GLU A 216 -1.88 -7.87 7.11
CA GLU A 216 -3.06 -7.03 6.95
C GLU A 216 -2.94 -6.29 5.62
N LEU A 217 -3.82 -6.62 4.66
CA LEU A 217 -3.83 -5.89 3.40
C LEU A 217 -4.64 -4.61 3.47
N SER A 218 -5.67 -4.56 4.31
CA SER A 218 -6.62 -3.45 4.29
C SER A 218 -7.33 -3.38 5.63
N SER A 219 -7.66 -2.15 6.03
CA SER A 219 -8.74 -1.92 7.01
C SER A 219 -9.91 -1.26 6.30
N ALA A 220 -11.12 -1.82 6.50
CA ALA A 220 -12.32 -1.29 5.87
C ALA A 220 -13.32 -0.91 6.96
N VAL A 221 -14.24 0.00 6.62
CA VAL A 221 -15.18 0.57 7.59
C VAL A 221 -16.56 0.68 6.95
N VAL A 222 -17.59 0.32 7.73
CA VAL A 222 -18.98 0.59 7.38
C VAL A 222 -19.47 1.73 8.26
N GLY A 223 -19.73 2.89 7.66
CA GLY A 223 -20.34 3.98 8.37
C GLY A 223 -21.84 3.81 8.44
N PRO A 224 -22.51 4.82 8.98
CA PRO A 224 -21.95 6.08 9.48
C PRO A 224 -21.27 5.93 10.82
N ILE A 225 -20.44 6.90 11.21
CA ILE A 225 -19.82 6.96 12.54
C ILE A 225 -19.92 8.40 13.05
N PRO A 226 -19.79 8.57 14.37
CA PRO A 226 -19.93 9.93 14.94
C PRO A 226 -18.96 10.96 14.34
N LEU A 227 -17.78 10.54 13.90
CA LEU A 227 -16.82 11.46 13.27
C LEU A 227 -17.41 12.16 12.06
N ASP A 228 -18.45 11.59 11.43
CA ASP A 228 -18.98 12.16 10.20
C ASP A 228 -19.40 13.61 10.38
N ARG A 229 -19.97 13.95 11.54
CA ARG A 229 -20.49 15.31 11.71
C ARG A 229 -19.37 16.35 11.60
N GLU A 230 -18.16 16.00 12.03
CA GLU A 230 -17.02 16.89 11.93
C GLU A 230 -16.60 17.16 10.48
N TRP A 231 -17.10 16.38 9.53
CA TRP A 231 -16.72 16.46 8.12
C TRP A 231 -17.92 16.77 7.25
N GLY A 232 -19.08 17.04 7.84
CA GLY A 232 -20.20 17.44 7.03
C GLY A 232 -20.83 16.29 6.29
N ILE A 233 -20.57 15.08 6.75
CA ILE A 233 -21.12 13.85 6.17
C ILE A 233 -22.35 13.46 6.99
N ASP A 234 -23.46 13.22 6.31
CA ASP A 234 -24.68 12.84 7.02
C ASP A 234 -25.41 11.69 6.35
N LYS A 235 -24.71 10.91 5.53
CA LYS A 235 -25.27 9.79 4.80
C LYS A 235 -24.48 8.52 5.15
N PRO A 236 -25.06 7.36 4.91
CA PRO A 236 -24.29 6.12 5.08
C PRO A 236 -23.11 6.12 4.13
N TRP A 237 -22.07 5.39 4.49
CA TRP A 237 -20.91 5.28 3.62
C TRP A 237 -20.13 4.02 3.96
N ILE A 238 -19.25 3.62 3.02
CA ILE A 238 -18.35 2.49 3.21
C ILE A 238 -17.03 2.90 2.60
N GLY A 239 -15.94 2.37 3.11
CA GLY A 239 -14.67 2.57 2.43
C GLY A 239 -13.61 1.62 2.91
N ALA A 240 -12.52 1.54 2.14
CA ALA A 240 -11.47 0.63 2.54
C ALA A 240 -10.15 1.21 2.08
N GLY A 241 -9.11 1.00 2.88
CA GLY A 241 -7.78 1.43 2.50
C GLY A 241 -6.80 0.26 2.41
N PHE A 242 -6.06 0.19 1.30
CA PHE A 242 -5.14 -0.90 1.00
C PHE A 242 -3.74 -0.36 0.78
N GLY A 243 -2.72 -1.04 1.31
CA GLY A 243 -1.35 -0.68 0.95
C GLY A 243 -0.88 -1.40 -0.32
N LEU A 244 -0.50 -0.64 -1.36
CA LEU A 244 -0.07 -1.27 -2.60
C LEU A 244 1.21 -2.06 -2.44
N GLU A 245 2.16 -1.56 -1.65
CA GLU A 245 3.40 -2.32 -1.47
C GLU A 245 3.12 -3.67 -0.77
N ARG A 246 2.13 -3.71 0.13
CA ARG A 246 1.77 -5.01 0.71
C ARG A 246 1.13 -5.91 -0.34
N LEU A 247 0.33 -5.36 -1.25
CA LEU A 247 -0.20 -6.21 -2.32
C LEU A 247 0.93 -6.76 -3.17
N LEU A 248 1.92 -5.93 -3.45
CA LEU A 248 3.04 -6.39 -4.27
C LEU A 248 3.87 -7.42 -3.52
N LYS A 249 4.03 -7.24 -2.21
CA LYS A 249 4.75 -8.23 -1.38
C LYS A 249 4.10 -9.60 -1.50
N VAL A 250 2.77 -9.65 -1.45
CA VAL A 250 2.04 -10.91 -1.63
C VAL A 250 2.24 -11.43 -3.03
N LYS A 251 1.99 -10.59 -4.04
CA LYS A 251 2.02 -11.04 -5.43
C LYS A 251 3.37 -11.63 -5.81
N HIS A 252 4.45 -11.07 -5.30
CA HIS A 252 5.78 -11.47 -5.73
C HIS A 252 6.52 -12.28 -4.68
N ASP A 253 5.87 -12.60 -3.56
CA ASP A 253 6.47 -13.40 -2.49
C ASP A 253 7.74 -12.76 -1.91
N PHE A 254 7.75 -11.44 -1.83
CA PHE A 254 8.92 -10.77 -1.26
C PHE A 254 9.01 -11.06 0.23
N LYS A 255 10.23 -11.26 0.73
CA LYS A 255 10.38 -11.43 2.18
C LYS A 255 10.32 -10.10 2.93
N ASN A 256 10.61 -8.98 2.27
CA ASN A 256 10.61 -7.69 2.96
C ASN A 256 9.92 -6.69 2.04
N ILE A 257 9.04 -5.88 2.61
CA ILE A 257 8.27 -4.93 1.84
C ILE A 257 9.15 -3.88 1.16
N LYS A 258 10.40 -3.73 1.62
CA LYS A 258 11.29 -2.75 0.99
C LYS A 258 11.52 -3.07 -0.47
N ARG A 259 11.37 -4.34 -0.87
CA ARG A 259 11.57 -4.71 -2.27
C ARG A 259 10.59 -4.05 -3.18
N ALA A 260 9.46 -3.61 -2.63
CA ALA A 260 8.32 -3.09 -3.35
C ALA A 260 8.25 -1.58 -3.30
N ALA A 261 9.06 -0.96 -2.45
CA ALA A 261 8.91 0.45 -2.09
C ALA A 261 9.54 1.40 -3.11
N ARG A 262 9.09 2.65 -3.08
CA ARG A 262 9.88 3.72 -3.68
C ARG A 262 11.24 3.72 -3.05
N SER A 263 12.27 3.74 -3.89
N SER A 263 12.26 3.68 -3.88
CA SER A 263 13.59 3.42 -3.39
CA SER A 263 13.61 3.53 -3.37
C SER A 263 14.62 3.52 -4.50
C SER A 263 14.56 3.81 -4.51
N GLY A 264 15.82 3.97 -4.15
CA GLY A 264 16.92 3.85 -5.08
C GLY A 264 17.58 2.51 -4.95
N SER A 265 17.11 1.63 -4.02
CA SER A 265 17.82 0.40 -3.67
C SER A 265 17.30 -0.87 -4.35
N TYR A 266 16.08 -0.85 -4.90
CA TYR A 266 15.52 -1.99 -5.62
C TYR A 266 14.73 -1.45 -6.80
N TYR A 267 14.81 -2.14 -7.92
CA TYR A 267 13.95 -1.84 -9.05
C TYR A 267 13.12 -3.09 -9.34
N ASN A 268 11.79 -3.00 -9.13
CA ASN A 268 10.93 -4.16 -9.36
C ASN A 268 11.51 -5.40 -8.65
N GLY A 269 11.95 -5.20 -7.41
CA GLY A 269 12.41 -6.28 -6.56
C GLY A 269 13.84 -6.73 -6.79
N ILE A 270 14.54 -6.11 -7.74
N ILE A 270 14.54 -6.12 -7.75
CA ILE A 270 15.92 -6.44 -8.07
CA ILE A 270 15.92 -6.46 -8.09
C ILE A 270 16.82 -5.40 -7.44
C ILE A 270 16.82 -5.41 -7.46
N SER A 271 17.83 -5.86 -6.70
CA SER A 271 18.78 -4.94 -6.12
C SER A 271 19.41 -4.04 -7.17
N THR A 272 19.49 -2.76 -6.87
CA THR A 272 20.24 -1.83 -7.72
C THR A 272 21.68 -1.66 -7.25
N ASN A 273 22.10 -2.37 -6.21
CA ASN A 273 23.45 -2.21 -5.70
C ASN A 273 24.29 -3.36 -6.25
N LEU A 274 24.66 -3.21 -7.52
CA LEU A 274 25.33 -4.25 -8.30
C LEU A 274 26.74 -3.84 -8.65
#